data_9HIU
#
_entry.id   9HIU
#
_cell.length_a   1.00
_cell.length_b   1.00
_cell.length_c   1.00
_cell.angle_alpha   90.00
_cell.angle_beta   90.00
_cell.angle_gamma   90.00
#
_symmetry.space_group_name_H-M   'P 1'
#
loop_
_entity.id
_entity.type
_entity.pdbx_description
1 polymer Cyclin-A2
2 polymer 'Cyclin-dependent kinase 2'
3 polymer 'Geminin coiled-coil domain-containing protein 1'
#
loop_
_entity_poly.entity_id
_entity_poly.type
_entity_poly.pdbx_seq_one_letter_code
_entity_poly.pdbx_strand_id
1 'polypeptide(L)'
;MLGNSAPGPATREAGSALLALQQTALQEDQENINPEKAAPVQQPRTRAALAVLKSGNPRGLAQQQRPKTRRVAPLKDLPV
NDEHVTVPPWKANSKQPAFTIHVDEAEKEAQKKPAESQKIEREDALAFNSAISLPGPRKPLVPLDYPMDGSFESPHTMDM
SIVLEDEKPVSVNEVPDYHEDIHTYLREMEVKCKPKVGYMKKQPDITNSMRAILVDWLVEVGEEYKLQNETLHLAVNYID
RFLSSMSVLRGKLQLVGTAAMLLASKFEEIYPPEVAEFVYITDDTYTKKQVLRMEHLVLKVLTFDLAAPTVNQFLTQYFL
HQQPANCKVESLAMFLGELSLIDADPYLKYLPSVIAGAAFHLALYTVTGQSWPESLIRKTGYTLESLKPCLMDLHQTYLK
APQHAQQSIREKYKNSKYHGVSLLNPPETLNL
;
A
2 'polypeptide(L)'
;MENFQKVEKIGEGTYGVVYKARNKLTGEVVALKKIRLDTETEGVPSTAIREISLLKELNHPNIVKLLDVIHTENKLYLVF
EFLHQDLKKFMDASALTGIPLPLIKSYLFQLLQGLAFCHSHRVLHRDLKPQNLLINTEGAIKLADFGLARAFGVPVRTYT
HEVVTLWYRAPEILLGCKYYSTAVDIWSLGCIFAEMVTRRALFPGDSEIDQLFRIFRTLGTPDEVVWPGVTSMPDYKPSF
PKWARQDFSKVVPPLDEDGRSLLSQMLHYDPNKRISAKAALAHPFFQDVTKPVPHLR
;
B
3 'polypeptide(L)' KNAKRNLSSEFAN C
#
# COMPACT_ATOMS: atom_id res chain seq x y z
N TYR A 178 13.86 7.72 0.76
CA TYR A 178 12.55 7.67 0.11
C TYR A 178 11.45 8.06 1.08
N HIS A 179 11.80 8.20 2.36
CA HIS A 179 10.81 8.57 3.37
C HIS A 179 10.32 9.99 3.16
N GLU A 180 11.24 10.93 2.94
CA GLU A 180 10.84 12.32 2.70
C GLU A 180 10.04 12.44 1.41
N ASP A 181 10.43 11.70 0.37
CA ASP A 181 9.66 11.70 -0.87
C ASP A 181 8.27 11.09 -0.65
N ILE A 182 8.19 10.05 0.19
CA ILE A 182 6.89 9.45 0.50
C ILE A 182 6.00 10.47 1.21
N HIS A 183 6.56 11.20 2.17
CA HIS A 183 5.77 12.21 2.87
C HIS A 183 5.32 13.33 1.94
N THR A 184 6.22 13.75 1.04
CA THR A 184 5.85 14.78 0.06
C THR A 184 4.74 14.30 -0.85
N TYR A 185 4.82 13.05 -1.31
CA TYR A 185 3.77 12.50 -2.15
C TYR A 185 2.45 12.41 -1.38
N LEU A 186 2.51 12.04 -0.11
CA LEU A 186 1.30 11.99 0.71
C LEU A 186 0.68 13.37 0.87
N ARG A 187 1.51 14.38 1.10
CA ARG A 187 1.00 15.75 1.21
C ARG A 187 0.37 16.21 -0.10
N GLU A 188 0.97 15.85 -1.23
CA GLU A 188 0.40 16.22 -2.52
C GLU A 188 -0.90 15.47 -2.79
N MET A 189 -1.00 14.21 -2.32
CA MET A 189 -2.14 13.38 -2.66
C MET A 189 -3.34 13.63 -1.75
N GLU A 190 -3.11 14.06 -0.51
CA GLU A 190 -4.23 14.31 0.39
C GLU A 190 -5.12 15.45 -0.10
N VAL A 191 -4.57 16.37 -0.89
CA VAL A 191 -5.39 17.44 -1.46
C VAL A 191 -6.33 16.89 -2.52
N LYS A 192 -5.82 16.00 -3.39
CA LYS A 192 -6.65 15.44 -4.45
C LYS A 192 -7.72 14.52 -3.87
N CYS A 193 -7.39 13.76 -2.84
CA CYS A 193 -8.33 12.84 -2.20
C CYS A 193 -9.16 13.51 -1.11
N LYS A 194 -8.99 14.81 -0.91
CA LYS A 194 -9.78 15.51 0.11
C LYS A 194 -11.24 15.53 -0.28
N PRO A 195 -12.15 15.13 0.59
CA PRO A 195 -13.58 15.22 0.28
C PRO A 195 -14.04 16.67 0.29
N LYS A 196 -15.14 16.92 -0.42
CA LYS A 196 -15.69 18.26 -0.49
C LYS A 196 -16.09 18.74 0.90
N VAL A 197 -15.67 19.96 1.24
CA VAL A 197 -15.98 20.52 2.56
C VAL A 197 -17.45 20.91 2.62
N GLY A 198 -18.12 20.51 3.69
CA GLY A 198 -19.53 20.82 3.86
C GLY A 198 -20.43 20.16 2.83
N TYR A 199 -20.17 18.88 2.51
CA TYR A 199 -21.06 18.17 1.60
C TYR A 199 -22.37 17.80 2.26
N MET A 200 -22.43 17.79 3.60
CA MET A 200 -23.68 17.45 4.28
C MET A 200 -24.76 18.48 4.03
N LYS A 201 -24.38 19.72 3.73
CA LYS A 201 -25.36 20.75 3.41
C LYS A 201 -26.14 20.40 2.15
N LYS A 202 -25.46 19.85 1.14
CA LYS A 202 -26.12 19.46 -0.10
C LYS A 202 -26.84 18.12 0.00
N GLN A 203 -26.65 17.38 1.08
CA GLN A 203 -27.33 16.10 1.24
C GLN A 203 -28.76 16.33 1.71
N PRO A 204 -29.77 15.88 0.97
CA PRO A 204 -31.16 16.19 1.33
C PRO A 204 -31.78 15.25 2.36
N ASP A 205 -31.13 14.12 2.67
CA ASP A 205 -31.72 13.13 3.55
C ASP A 205 -30.87 12.79 4.76
N ILE A 206 -29.55 12.75 4.63
CA ILE A 206 -28.66 12.37 5.73
C ILE A 206 -27.98 13.61 6.28
N THR A 207 -27.55 13.52 7.53
CA THR A 207 -26.99 14.64 8.27
C THR A 207 -25.66 14.22 8.89
N ASN A 208 -25.05 15.17 9.62
CA ASN A 208 -23.77 14.89 10.27
C ASN A 208 -23.93 13.85 11.37
N SER A 209 -25.05 13.88 12.10
CA SER A 209 -25.28 12.89 13.14
C SER A 209 -25.39 11.49 12.55
N MET A 210 -26.02 11.37 11.39
CA MET A 210 -26.12 10.06 10.75
C MET A 210 -24.75 9.55 10.34
N ARG A 211 -23.89 10.42 9.83
CA ARG A 211 -22.53 10.03 9.49
C ARG A 211 -21.76 9.62 10.74
N ALA A 212 -21.98 10.34 11.86
CA ALA A 212 -21.33 9.97 13.11
C ALA A 212 -21.76 8.59 13.57
N ILE A 213 -23.06 8.29 13.45
CA ILE A 213 -23.56 6.96 13.79
C ILE A 213 -22.96 5.90 12.88
N LEU A 214 -22.84 6.22 11.59
CA LEU A 214 -22.24 5.28 10.65
C LEU A 214 -20.79 5.00 10.99
N VAL A 215 -20.04 6.03 11.37
CA VAL A 215 -18.64 5.84 11.75
C VAL A 215 -18.54 5.05 13.06
N ASP A 216 -19.47 5.30 13.98
CA ASP A 216 -19.54 4.50 15.20
C ASP A 216 -19.71 3.02 14.89
N TRP A 217 -20.68 2.71 14.02
CA TRP A 217 -20.94 1.32 13.66
C TRP A 217 -19.77 0.73 12.88
N LEU A 218 -19.07 1.55 12.10
CA LEU A 218 -17.89 1.06 11.38
C LEU A 218 -16.76 0.73 12.34
N VAL A 219 -16.56 1.54 13.39
CA VAL A 219 -15.58 1.21 14.41
C VAL A 219 -15.94 -0.10 15.09
N GLU A 220 -17.22 -0.26 15.42
CA GLU A 220 -17.67 -1.50 16.05
C GLU A 220 -17.43 -2.71 15.15
N VAL A 221 -17.72 -2.56 13.85
CA VAL A 221 -17.48 -3.65 12.90
C VAL A 221 -15.99 -3.96 12.79
N GLY A 222 -15.16 -2.91 12.70
CA GLY A 222 -13.73 -3.12 12.59
C GLY A 222 -13.14 -3.84 13.78
N GLU A 223 -13.65 -3.53 14.98
CA GLU A 223 -13.24 -4.30 16.15
C GLU A 223 -13.81 -5.71 16.13
N GLU A 224 -15.02 -5.88 15.59
CA GLU A 224 -15.62 -7.21 15.53
C GLU A 224 -14.82 -8.13 14.62
N TYR A 225 -14.37 -7.64 13.47
CA TYR A 225 -13.65 -8.44 12.50
C TYR A 225 -12.14 -8.29 12.60
N LYS A 226 -11.65 -7.65 13.67
CA LYS A 226 -10.22 -7.47 13.90
C LYS A 226 -9.54 -6.74 12.75
N LEU A 227 -10.25 -5.81 12.12
CA LEU A 227 -9.67 -5.03 11.04
C LEU A 227 -8.74 -3.95 11.59
N GLN A 228 -7.89 -3.43 10.71
CA GLN A 228 -6.93 -2.41 11.10
C GLN A 228 -7.60 -1.04 11.21
N ASN A 229 -6.92 -0.12 11.91
CA ASN A 229 -7.40 1.25 12.00
C ASN A 229 -7.33 1.94 10.65
N GLU A 230 -6.28 1.64 9.87
CA GLU A 230 -6.16 2.21 8.54
C GLU A 230 -7.31 1.79 7.64
N THR A 231 -7.83 0.57 7.84
CA THR A 231 -9.00 0.13 7.08
C THR A 231 -10.21 1.02 7.37
N LEU A 232 -10.45 1.33 8.64
CA LEU A 232 -11.57 2.18 8.98
C LEU A 232 -11.36 3.61 8.47
N HIS A 233 -10.12 4.11 8.55
CA HIS A 233 -9.84 5.45 8.04
C HIS A 233 -10.10 5.51 6.53
N LEU A 234 -9.66 4.50 5.79
CA LEU A 234 -9.91 4.45 4.35
C LEU A 234 -11.41 4.35 4.06
N ALA A 235 -12.14 3.55 4.84
CA ALA A 235 -13.58 3.44 4.64
C ALA A 235 -14.27 4.78 4.88
N VAL A 236 -13.87 5.49 5.93
CA VAL A 236 -14.47 6.79 6.21
C VAL A 236 -14.16 7.78 5.09
N ASN A 237 -12.92 7.75 4.59
CA ASN A 237 -12.57 8.61 3.47
C ASN A 237 -13.42 8.29 2.24
N TYR A 238 -13.64 7.01 1.97
CA TYR A 238 -14.45 6.62 0.82
C TYR A 238 -15.89 7.07 0.98
N ILE A 239 -16.45 6.93 2.19
CA ILE A 239 -17.82 7.40 2.44
C ILE A 239 -17.89 8.92 2.23
N ASP A 240 -16.92 9.66 2.75
CA ASP A 240 -16.94 11.10 2.63
C ASP A 240 -16.88 11.52 1.16
N ARG A 241 -15.97 10.92 0.38
CA ARG A 241 -15.86 11.27 -1.02
C ARG A 241 -17.10 10.87 -1.80
N PHE A 242 -17.65 9.68 -1.52
CA PHE A 242 -18.83 9.21 -2.24
C PHE A 242 -20.03 10.12 -1.97
N LEU A 243 -20.24 10.49 -0.71
CA LEU A 243 -21.36 11.38 -0.40
C LEU A 243 -21.09 12.80 -0.90
N SER A 244 -19.83 13.18 -1.05
CA SER A 244 -19.52 14.45 -1.69
C SER A 244 -19.92 14.42 -3.16
N SER A 245 -19.67 13.31 -3.84
CA SER A 245 -19.94 13.19 -5.27
C SER A 245 -21.28 12.53 -5.58
N MET A 246 -22.04 12.13 -4.58
CA MET A 246 -23.31 11.44 -4.82
C MET A 246 -24.29 11.74 -3.69
N SER A 247 -25.57 11.54 -3.99
CA SER A 247 -26.64 11.74 -3.03
C SER A 247 -27.20 10.38 -2.60
N VAL A 248 -27.29 10.17 -1.29
CA VAL A 248 -27.72 8.90 -0.72
C VAL A 248 -28.87 9.16 0.25
N LEU A 249 -29.90 8.31 0.18
CA LEU A 249 -31.07 8.45 1.04
C LEU A 249 -30.76 7.91 2.43
N ARG A 250 -31.79 7.83 3.28
CA ARG A 250 -31.61 7.39 4.65
C ARG A 250 -31.24 5.91 4.72
N GLY A 251 -31.98 5.06 4.00
CA GLY A 251 -31.77 3.64 4.10
C GLY A 251 -30.43 3.18 3.54
N LYS A 252 -29.96 3.83 2.48
CA LYS A 252 -28.77 3.39 1.78
C LYS A 252 -27.48 3.92 2.38
N LEU A 253 -27.54 4.72 3.44
CA LEU A 253 -26.31 5.23 4.06
C LEU A 253 -25.49 4.10 4.67
N GLN A 254 -26.16 3.16 5.36
CA GLN A 254 -25.44 2.03 5.93
C GLN A 254 -24.91 1.12 4.84
N LEU A 255 -25.62 0.99 3.72
CA LEU A 255 -25.10 0.22 2.59
C LEU A 255 -23.85 0.87 2.02
N VAL A 256 -23.85 2.20 1.91
CA VAL A 256 -22.67 2.92 1.44
C VAL A 256 -21.50 2.68 2.38
N GLY A 257 -21.76 2.77 3.69
CA GLY A 257 -20.70 2.53 4.67
C GLY A 257 -20.16 1.12 4.60
N THR A 258 -21.05 0.14 4.43
CA THR A 258 -20.64 -1.26 4.33
C THR A 258 -19.79 -1.48 3.08
N ALA A 259 -20.20 -0.91 1.95
CA ALA A 259 -19.42 -1.07 0.72
C ALA A 259 -18.05 -0.40 0.85
N ALA A 260 -17.99 0.76 1.49
CA ALA A 260 -16.71 1.43 1.70
C ALA A 260 -15.82 0.60 2.62
N MET A 261 -16.40 0.01 3.67
CA MET A 261 -15.61 -0.85 4.54
C MET A 261 -15.09 -2.07 3.80
N LEU A 262 -15.93 -2.66 2.94
CA LEU A 262 -15.49 -3.80 2.14
C LEU A 262 -14.35 -3.42 1.20
N LEU A 263 -14.47 -2.27 0.54
CA LEU A 263 -13.40 -1.82 -0.35
C LEU A 263 -12.12 -1.54 0.40
N ALA A 264 -12.22 -0.91 1.58
CA ALA A 264 -11.04 -0.64 2.38
C ALA A 264 -10.38 -1.92 2.86
N SER A 265 -11.18 -2.92 3.25
CA SER A 265 -10.62 -4.20 3.66
C SER A 265 -9.95 -4.91 2.48
N LYS A 266 -10.56 -4.84 1.31
CA LYS A 266 -9.94 -5.44 0.12
C LYS A 266 -8.62 -4.76 -0.21
N PHE A 267 -8.56 -3.43 -0.09
CA PHE A 267 -7.36 -2.70 -0.45
C PHE A 267 -6.25 -2.90 0.57
N GLU A 268 -6.58 -2.82 1.87
CA GLU A 268 -5.59 -2.75 2.93
C GLU A 268 -5.35 -4.08 3.64
N GLU A 269 -6.41 -4.78 4.02
CA GLU A 269 -6.27 -5.99 4.81
C GLU A 269 -5.69 -7.13 3.96
N ILE A 270 -4.94 -8.02 4.62
CA ILE A 270 -4.37 -9.17 3.94
C ILE A 270 -5.49 -10.10 3.47
N TYR A 271 -6.41 -10.43 4.35
CA TYR A 271 -7.57 -11.25 4.01
C TYR A 271 -8.83 -10.44 4.31
N PRO A 272 -9.43 -9.81 3.30
CA PRO A 272 -10.66 -9.06 3.53
C PRO A 272 -11.78 -9.99 3.98
N PRO A 273 -12.63 -9.54 4.90
CA PRO A 273 -13.81 -10.34 5.26
C PRO A 273 -14.71 -10.55 4.04
N GLU A 274 -15.33 -11.73 3.98
CA GLU A 274 -16.17 -12.06 2.85
C GLU A 274 -17.40 -11.15 2.82
N VAL A 275 -17.96 -11.01 1.62
CA VAL A 275 -19.16 -10.18 1.45
C VAL A 275 -20.29 -10.70 2.30
N ALA A 276 -20.38 -12.02 2.46
CA ALA A 276 -21.40 -12.59 3.34
C ALA A 276 -21.21 -12.15 4.78
N GLU A 277 -19.96 -11.98 5.20
CA GLU A 277 -19.71 -11.50 6.56
C GLU A 277 -20.25 -10.08 6.75
N PHE A 278 -20.03 -9.21 5.77
CA PHE A 278 -20.57 -7.84 5.86
C PHE A 278 -22.09 -7.85 5.81
N VAL A 279 -22.67 -8.68 4.94
CA VAL A 279 -24.13 -8.79 4.88
C VAL A 279 -24.69 -9.23 6.22
N TYR A 280 -24.02 -10.19 6.87
CA TYR A 280 -24.43 -10.63 8.19
C TYR A 280 -24.29 -9.51 9.22
N ILE A 281 -23.18 -8.77 9.17
CA ILE A 281 -22.96 -7.71 10.16
C ILE A 281 -23.91 -6.54 9.95
N THR A 282 -24.52 -6.42 8.77
CA THR A 282 -25.57 -5.42 8.57
C THR A 282 -26.94 -5.91 9.03
N ASP A 283 -26.98 -6.95 9.87
CA ASP A 283 -28.24 -7.50 10.40
C ASP A 283 -29.16 -7.94 9.27
N ASP A 284 -28.57 -8.48 8.21
CA ASP A 284 -29.32 -8.99 7.05
C ASP A 284 -30.24 -7.92 6.46
N THR A 285 -29.75 -6.68 6.42
CA THR A 285 -30.53 -5.61 5.82
C THR A 285 -30.38 -5.60 4.30
N TYR A 286 -29.15 -5.49 3.82
CA TYR A 286 -28.85 -5.47 2.40
C TYR A 286 -28.33 -6.85 1.98
N THR A 287 -28.82 -7.35 0.86
CA THR A 287 -28.39 -8.65 0.37
C THR A 287 -26.98 -8.57 -0.21
N LYS A 288 -26.45 -9.73 -0.58
CA LYS A 288 -25.13 -9.77 -1.21
C LYS A 288 -25.11 -9.00 -2.51
N LYS A 289 -26.17 -9.14 -3.33
CA LYS A 289 -26.23 -8.44 -4.60
C LYS A 289 -26.25 -6.93 -4.39
N GLN A 290 -27.02 -6.44 -3.41
CA GLN A 290 -27.06 -5.01 -3.14
C GLN A 290 -25.70 -4.50 -2.68
N VAL A 291 -25.02 -5.26 -1.82
CA VAL A 291 -23.71 -4.84 -1.32
C VAL A 291 -22.71 -4.75 -2.47
N LEU A 292 -22.70 -5.77 -3.34
CA LEU A 292 -21.77 -5.76 -4.48
C LEU A 292 -22.09 -4.63 -5.46
N ARG A 293 -23.39 -4.38 -5.70
CA ARG A 293 -23.77 -3.31 -6.61
C ARG A 293 -23.37 -1.94 -6.05
N MET A 294 -23.56 -1.72 -4.76
CA MET A 294 -23.16 -0.45 -4.18
C MET A 294 -21.64 -0.33 -4.11
N GLU A 295 -20.94 -1.45 -3.95
CA GLU A 295 -19.48 -1.44 -4.06
C GLU A 295 -19.04 -1.02 -5.46
N HIS A 296 -19.72 -1.55 -6.49
CA HIS A 296 -19.43 -1.15 -7.86
C HIS A 296 -19.69 0.34 -8.06
N LEU A 297 -20.79 0.84 -7.51
CA LEU A 297 -21.11 2.26 -7.63
C LEU A 297 -20.05 3.13 -6.95
N VAL A 298 -19.62 2.73 -5.75
CA VAL A 298 -18.59 3.49 -5.03
C VAL A 298 -17.28 3.47 -5.80
N LEU A 299 -16.91 2.31 -6.35
CA LEU A 299 -15.68 2.23 -7.14
C LEU A 299 -15.75 3.12 -8.37
N LYS A 300 -16.91 3.14 -9.04
CA LYS A 300 -17.07 3.99 -10.21
C LYS A 300 -17.00 5.47 -9.84
N VAL A 301 -17.64 5.85 -8.74
CA VAL A 301 -17.65 7.26 -8.33
C VAL A 301 -16.24 7.72 -7.96
N LEU A 302 -15.52 6.90 -7.20
CA LEU A 302 -14.15 7.24 -6.84
C LEU A 302 -13.16 7.00 -7.98
N THR A 303 -13.62 6.43 -9.09
CA THR A 303 -12.77 6.08 -10.24
C THR A 303 -11.55 5.27 -9.79
N PHE A 304 -11.78 4.32 -8.89
CA PHE A 304 -10.77 3.39 -8.41
C PHE A 304 -9.61 4.10 -7.74
N ASP A 305 -9.87 5.28 -7.17
CA ASP A 305 -8.85 6.01 -6.41
C ASP A 305 -9.03 5.71 -4.92
N LEU A 306 -8.65 4.50 -4.55
CA LEU A 306 -8.79 4.00 -3.18
C LEU A 306 -7.51 4.15 -2.38
N ALA A 307 -6.51 4.84 -2.91
CA ALA A 307 -5.22 5.02 -2.22
C ALA A 307 -5.15 6.35 -1.49
N ALA A 308 -6.26 6.80 -0.94
CA ALA A 308 -6.30 8.10 -0.29
C ALA A 308 -5.45 8.09 0.98
N PRO A 309 -4.57 9.07 1.16
CA PRO A 309 -3.83 9.16 2.42
C PRO A 309 -4.76 9.50 3.57
N THR A 310 -4.55 8.82 4.70
CA THR A 310 -5.37 8.98 5.88
C THR A 310 -4.56 9.58 7.02
N VAL A 311 -5.20 9.72 8.18
CA VAL A 311 -4.53 10.24 9.36
C VAL A 311 -3.46 9.27 9.83
N ASN A 312 -3.71 7.96 9.71
CA ASN A 312 -2.76 6.96 10.17
C ASN A 312 -1.44 7.05 9.40
N GLN A 313 -1.53 7.26 8.08
CA GLN A 313 -0.32 7.29 7.26
C GLN A 313 0.59 8.44 7.66
N PHE A 314 0.02 9.61 7.96
CA PHE A 314 0.82 10.74 8.40
C PHE A 314 1.28 10.55 9.84
N LEU A 315 0.45 9.93 10.67
CA LEU A 315 0.81 9.74 12.07
C LEU A 315 1.99 8.79 12.22
N THR A 316 2.07 7.76 11.38
CA THR A 316 3.23 6.86 11.44
C THR A 316 4.51 7.59 11.10
N GLN A 317 4.49 8.42 10.06
CA GLN A 317 5.67 9.20 9.71
C GLN A 317 6.02 10.17 10.83
N TYR A 318 5.01 10.75 11.47
CA TYR A 318 5.27 11.64 12.61
C TYR A 318 5.92 10.88 13.76
N PHE A 319 5.47 9.65 14.00
CA PHE A 319 6.06 8.81 15.04
C PHE A 319 7.51 8.49 14.72
N LEU A 320 7.82 8.30 13.43
CA LEU A 320 9.21 8.07 13.03
C LEU A 320 10.12 9.24 13.41
N HIS A 321 9.55 10.43 13.61
CA HIS A 321 10.30 11.60 14.05
C HIS A 321 10.00 11.96 15.50
N GLN A 322 9.62 10.98 16.30
CA GLN A 322 9.31 11.18 17.72
C GLN A 322 10.42 10.58 18.57
N GLN A 323 10.91 11.37 19.53
CA GLN A 323 11.99 10.93 20.42
C GLN A 323 11.62 11.32 21.84
N PRO A 324 11.55 10.36 22.78
CA PRO A 324 11.74 8.92 22.61
C PRO A 324 10.47 8.23 22.12
N ALA A 325 10.56 7.00 21.63
CA ALA A 325 9.40 6.27 21.13
C ALA A 325 8.55 5.85 22.32
N ASN A 326 7.48 6.61 22.57
CA ASN A 326 6.56 6.34 23.67
C ASN A 326 5.29 5.68 23.10
N CYS A 327 4.99 4.48 23.60
CA CYS A 327 3.82 3.75 23.10
C CYS A 327 2.53 4.48 23.43
N LYS A 328 2.45 5.09 24.61
CA LYS A 328 1.25 5.83 24.99
C LYS A 328 1.03 7.03 24.08
N VAL A 329 2.11 7.69 23.66
CA VAL A 329 1.99 8.82 22.75
C VAL A 329 1.32 8.39 21.46
N GLU A 330 1.83 7.30 20.86
CA GLU A 330 1.25 6.80 19.61
C GLU A 330 -0.18 6.34 19.80
N SER A 331 -0.46 5.65 20.91
CA SER A 331 -1.82 5.17 21.15
C SER A 331 -2.80 6.33 21.30
N LEU A 332 -2.40 7.37 22.02
CA LEU A 332 -3.29 8.51 22.22
C LEU A 332 -3.45 9.31 20.93
N ALA A 333 -2.38 9.44 20.14
CA ALA A 333 -2.51 10.10 18.85
C ALA A 333 -3.45 9.34 17.92
N MET A 334 -3.35 8.00 17.91
CA MET A 334 -4.28 7.19 17.14
C MET A 334 -5.70 7.37 17.65
N PHE A 335 -5.88 7.42 18.97
CA PHE A 335 -7.21 7.60 19.54
C PHE A 335 -7.82 8.93 19.11
N LEU A 336 -7.04 10.01 19.16
CA LEU A 336 -7.53 11.32 18.76
C LEU A 336 -7.84 11.35 17.26
N GLY A 337 -6.97 10.77 16.44
CA GLY A 337 -7.25 10.71 15.03
C GLY A 337 -8.49 9.91 14.70
N GLU A 338 -8.72 8.83 15.45
CA GLU A 338 -9.92 8.02 15.25
C GLU A 338 -11.17 8.79 15.67
N LEU A 339 -11.06 9.54 16.77
CA LEU A 339 -12.18 10.38 17.20
C LEU A 339 -12.51 11.43 16.15
N SER A 340 -11.49 11.96 15.48
CA SER A 340 -11.72 12.97 14.45
C SER A 340 -12.54 12.43 13.28
N LEU A 341 -12.67 11.12 13.14
CA LEU A 341 -13.47 10.53 12.07
C LEU A 341 -14.96 10.58 12.35
N ILE A 342 -15.36 10.88 13.58
CA ILE A 342 -16.78 10.80 13.93
C ILE A 342 -17.56 11.97 13.36
N ASP A 343 -17.10 13.20 13.63
CA ASP A 343 -17.83 14.40 13.23
C ASP A 343 -17.17 15.01 12.00
N ALA A 344 -17.91 15.04 10.89
CA ALA A 344 -17.43 15.75 9.71
C ALA A 344 -17.29 17.24 10.00
N ASP A 345 -18.29 17.81 10.66
CA ASP A 345 -18.20 19.17 11.16
C ASP A 345 -17.67 19.12 12.58
N PRO A 346 -16.52 19.75 12.89
CA PRO A 346 -15.67 20.58 12.03
C PRO A 346 -14.35 19.92 11.61
N TYR A 347 -14.35 18.67 11.15
CA TYR A 347 -13.10 17.98 10.85
C TYR A 347 -12.86 17.72 9.37
N LEU A 348 -13.81 18.01 8.50
CA LEU A 348 -13.57 17.90 7.07
C LEU A 348 -13.01 19.18 6.46
N LYS A 349 -12.85 20.23 7.25
CA LYS A 349 -12.20 21.45 6.81
C LYS A 349 -10.70 21.44 7.11
N TYR A 350 -10.17 20.36 7.65
CA TYR A 350 -8.76 20.23 7.97
C TYR A 350 -8.15 19.09 7.19
N LEU A 351 -6.94 19.31 6.67
CA LEU A 351 -6.23 18.28 5.92
C LEU A 351 -5.86 17.12 6.85
N PRO A 352 -5.80 15.90 6.32
CA PRO A 352 -5.41 14.76 7.16
C PRO A 352 -4.06 14.94 7.82
N SER A 353 -3.11 15.59 7.14
CA SER A 353 -1.83 15.90 7.76
C SER A 353 -2.01 16.86 8.93
N VAL A 354 -2.88 17.85 8.78
CA VAL A 354 -3.13 18.79 9.87
C VAL A 354 -3.75 18.08 11.06
N ILE A 355 -4.73 17.20 10.81
CA ILE A 355 -5.36 16.46 11.90
C ILE A 355 -4.36 15.56 12.59
N ALA A 356 -3.51 14.88 11.81
CA ALA A 356 -2.50 14.01 12.40
C ALA A 356 -1.52 14.79 13.25
N GLY A 357 -1.08 15.96 12.77
CA GLY A 357 -0.18 16.78 13.55
C GLY A 357 -0.81 17.29 14.84
N ALA A 358 -2.07 17.73 14.76
CA ALA A 358 -2.77 18.18 15.95
C ALA A 358 -2.92 17.04 16.95
N ALA A 359 -3.26 15.84 16.47
CA ALA A 359 -3.39 14.70 17.36
C ALA A 359 -2.07 14.33 18.01
N PHE A 360 -0.98 14.34 17.24
CA PHE A 360 0.31 14.02 17.80
C PHE A 360 0.72 15.04 18.87
N HIS A 361 0.54 16.33 18.58
CA HIS A 361 0.90 17.34 19.56
C HIS A 361 0.04 17.24 20.82
N LEU A 362 -1.27 17.01 20.65
CA LEU A 362 -2.16 16.88 21.79
C LEU A 362 -1.78 15.69 22.65
N ALA A 363 -1.49 14.55 22.03
CA ALA A 363 -1.07 13.38 22.79
C ALA A 363 0.25 13.64 23.51
N LEU A 364 1.22 14.25 22.83
CA LEU A 364 2.52 14.52 23.44
C LEU A 364 2.38 15.44 24.64
N TYR A 365 1.52 16.46 24.54
CA TYR A 365 1.29 17.34 25.68
C TYR A 365 0.53 16.60 26.78
N THR A 366 -0.40 15.72 26.42
CA THR A 366 -1.24 15.07 27.41
C THR A 366 -0.43 14.12 28.29
N VAL A 367 0.34 13.22 27.67
CA VAL A 367 1.02 12.17 28.42
C VAL A 367 2.44 12.58 28.80
N THR A 368 3.14 13.30 27.93
CA THR A 368 4.53 13.67 28.19
C THR A 368 4.73 15.15 28.48
N GLY A 369 3.74 15.99 28.22
CA GLY A 369 3.90 17.42 28.44
C GLY A 369 4.90 18.07 27.52
N GLN A 370 4.97 17.62 26.27
CA GLN A 370 5.87 18.19 25.28
C GLN A 370 5.07 18.79 24.14
N SER A 371 5.64 19.82 23.53
CA SER A 371 4.98 20.58 22.47
C SER A 371 5.31 19.98 21.11
N TRP A 372 4.92 20.69 20.06
CA TRP A 372 5.16 20.25 18.70
C TRP A 372 6.66 20.26 18.42
N PRO A 373 7.26 19.13 18.04
CA PRO A 373 8.73 19.10 17.90
C PRO A 373 9.22 19.91 16.72
N GLU A 374 10.45 20.40 16.84
CA GLU A 374 11.07 21.14 15.75
C GLU A 374 11.36 20.26 14.55
N SER A 375 11.64 18.97 14.78
CA SER A 375 11.88 18.05 13.68
C SER A 375 10.67 17.97 12.76
N LEU A 376 9.48 17.83 13.34
CA LEU A 376 8.26 17.82 12.52
C LEU A 376 7.96 19.20 11.97
N ILE A 377 8.37 20.26 12.66
CA ILE A 377 8.21 21.60 12.13
C ILE A 377 8.95 21.74 10.81
N ARG A 378 10.19 21.23 10.75
CA ARG A 378 10.95 21.28 9.50
C ARG A 378 10.42 20.28 8.49
N LYS A 379 10.08 19.06 8.92
CA LYS A 379 9.68 18.02 8.00
C LYS A 379 8.37 18.35 7.29
N THR A 380 7.37 18.85 8.04
CA THR A 380 6.05 19.08 7.48
C THR A 380 5.78 20.54 7.14
N GLY A 381 6.46 21.48 7.80
CA GLY A 381 6.16 22.88 7.63
C GLY A 381 5.01 23.39 8.45
N TYR A 382 4.35 22.52 9.21
CA TYR A 382 3.22 22.90 10.06
C TYR A 382 3.76 23.40 11.39
N THR A 383 3.80 24.73 11.55
CA THR A 383 4.17 25.29 12.84
C THR A 383 3.05 25.07 13.85
N LEU A 384 3.37 25.28 15.13
CA LEU A 384 2.38 25.07 16.18
C LEU A 384 1.19 26.01 16.02
N GLU A 385 1.43 27.22 15.52
CA GLU A 385 0.34 28.17 15.30
C GLU A 385 -0.48 27.84 14.07
N SER A 386 0.06 27.04 13.15
CA SER A 386 -0.72 26.66 11.97
C SER A 386 -1.79 25.64 12.31
N LEU A 387 -1.52 24.76 13.27
CA LEU A 387 -2.49 23.76 13.71
C LEU A 387 -3.38 24.27 14.84
N LYS A 388 -3.21 25.52 15.27
CA LYS A 388 -3.97 26.06 16.40
C LYS A 388 -5.48 25.92 16.24
N PRO A 389 -6.11 26.23 15.11
CA PRO A 389 -7.55 25.94 14.98
C PRO A 389 -7.85 24.46 15.12
N CYS A 390 -7.13 23.61 14.40
CA CYS A 390 -7.34 22.16 14.49
C CYS A 390 -7.01 21.66 15.89
N LEU A 391 -5.95 22.20 16.51
CA LEU A 391 -5.59 21.76 17.85
C LEU A 391 -6.69 22.10 18.86
N MET A 392 -7.23 23.32 18.79
CA MET A 392 -8.31 23.70 19.70
C MET A 392 -9.56 22.87 19.44
N ASP A 393 -9.87 22.60 18.17
CA ASP A 393 -11.03 21.78 17.84
C ASP A 393 -10.87 20.37 18.40
N LEU A 394 -9.68 19.79 18.26
CA LEU A 394 -9.43 18.45 18.78
C LEU A 394 -9.44 18.44 20.30
N HIS A 395 -8.95 19.50 20.94
CA HIS A 395 -9.04 19.59 22.39
C HIS A 395 -10.49 19.64 22.85
N GLN A 396 -11.32 20.41 22.14
CA GLN A 396 -12.74 20.47 22.48
C GLN A 396 -13.41 19.11 22.32
N THR A 397 -13.08 18.39 21.25
CA THR A 397 -13.63 17.05 21.05
C THR A 397 -13.15 16.09 22.14
N TYR A 398 -11.87 16.16 22.48
CA TYR A 398 -11.30 15.25 23.48
C TYR A 398 -11.90 15.49 24.85
N LEU A 399 -12.11 16.76 25.21
CA LEU A 399 -12.72 17.07 26.50
C LEU A 399 -14.14 16.53 26.58
N LYS A 400 -14.91 16.65 25.49
CA LYS A 400 -16.28 16.17 25.44
C LYS A 400 -16.40 14.75 24.92
N ALA A 401 -15.28 14.03 24.80
CA ALA A 401 -15.33 12.66 24.31
C ALA A 401 -16.16 11.73 25.18
N PRO A 402 -16.01 11.71 26.52
CA PRO A 402 -16.87 10.84 27.33
C PRO A 402 -18.36 11.14 27.19
N GLN A 403 -18.73 12.41 27.01
CA GLN A 403 -20.12 12.80 26.87
C GLN A 403 -20.65 12.65 25.46
N HIS A 404 -19.81 12.26 24.50
CA HIS A 404 -20.25 12.08 23.14
C HIS A 404 -21.24 10.92 23.04
N ALA A 405 -22.23 11.05 22.15
CA ALA A 405 -23.22 10.01 21.99
C ALA A 405 -22.61 8.73 21.44
N GLN A 406 -21.66 8.85 20.51
CA GLN A 406 -20.99 7.70 19.91
C GLN A 406 -19.74 7.39 20.70
N GLN A 407 -19.65 6.15 21.21
CA GLN A 407 -18.60 5.78 22.15
C GLN A 407 -17.84 4.53 21.72
N SER A 408 -17.93 4.13 20.45
CA SER A 408 -17.25 2.91 20.01
C SER A 408 -15.74 3.06 20.13
N ILE A 409 -15.21 4.23 19.76
CA ILE A 409 -13.76 4.42 19.77
C ILE A 409 -13.22 4.41 21.20
N ARG A 410 -13.93 5.07 22.12
CA ARG A 410 -13.47 5.10 23.51
C ARG A 410 -13.46 3.71 24.12
N GLU A 411 -14.47 2.89 23.83
CA GLU A 411 -14.45 1.50 24.27
C GLU A 411 -13.32 0.73 23.61
N LYS A 412 -13.08 0.99 22.32
CA LYS A 412 -12.00 0.30 21.60
C LYS A 412 -10.64 0.64 22.19
N TYR A 413 -10.42 1.91 22.53
CA TYR A 413 -9.19 2.34 23.17
C TYR A 413 -9.22 2.21 24.68
N LYS A 414 -10.21 1.50 25.22
CA LYS A 414 -10.23 1.10 26.62
C LYS A 414 -9.62 -0.28 26.83
N ASN A 415 -8.70 -0.68 25.95
CA ASN A 415 -8.13 -2.02 25.93
C ASN A 415 -6.62 -1.94 26.16
N SER A 416 -6.05 -3.04 26.66
CA SER A 416 -4.61 -3.11 26.89
C SER A 416 -3.82 -3.03 25.59
N LYS A 417 -4.46 -3.32 24.45
CA LYS A 417 -3.78 -3.19 23.16
C LYS A 417 -3.37 -1.75 22.90
N TYR A 418 -4.19 -0.79 23.33
CA TYR A 418 -3.92 0.63 23.12
C TYR A 418 -3.52 1.32 24.42
N HIS A 419 -3.13 0.56 25.44
CA HIS A 419 -2.65 1.08 26.72
C HIS A 419 -3.74 1.86 27.47
N GLY A 420 -4.99 1.72 27.06
CA GLY A 420 -6.08 2.41 27.74
C GLY A 420 -5.96 3.92 27.69
N VAL A 421 -5.57 4.48 26.54
CA VAL A 421 -5.39 5.93 26.44
C VAL A 421 -6.73 6.65 26.54
N SER A 422 -7.83 5.98 26.18
CA SER A 422 -9.14 6.63 26.24
C SER A 422 -9.55 6.98 27.66
N LEU A 423 -8.99 6.29 28.67
CA LEU A 423 -9.32 6.57 30.06
C LEU A 423 -8.52 7.75 30.62
N LEU A 424 -7.54 8.26 29.87
CA LEU A 424 -6.73 9.37 30.36
C LEU A 424 -7.55 10.65 30.42
N ASN A 425 -7.19 11.52 31.36
CA ASN A 425 -7.90 12.78 31.52
C ASN A 425 -7.33 13.82 30.57
N PRO A 426 -8.14 14.40 29.69
CA PRO A 426 -7.64 15.46 28.80
C PRO A 426 -7.13 16.65 29.58
N PRO A 427 -6.05 17.30 29.12
CA PRO A 427 -5.59 18.51 29.79
C PRO A 427 -6.65 19.60 29.74
N GLU A 428 -6.79 20.32 30.85
CA GLU A 428 -7.82 21.35 30.94
C GLU A 428 -7.47 22.56 30.09
N THR A 429 -6.23 23.03 30.18
CA THR A 429 -5.77 24.20 29.44
C THR A 429 -4.59 23.80 28.56
N LEU A 430 -4.68 24.12 27.28
CA LEU A 430 -3.57 23.92 26.34
C LEU A 430 -2.74 25.19 26.30
N ASN A 431 -1.52 25.12 26.82
CA ASN A 431 -0.65 26.29 26.86
C ASN A 431 -0.12 26.62 25.47
N LEU A 432 -0.81 27.50 24.76
CA LEU A 432 -0.42 27.87 23.41
C LEU A 432 0.11 29.30 23.37
N MET B 1 -14.97 -1.87 -24.61
CA MET B 1 -14.66 -3.13 -25.29
C MET B 1 -15.19 -3.10 -26.72
N GLU B 2 -16.29 -2.36 -26.92
CA GLU B 2 -16.87 -2.24 -28.25
C GLU B 2 -15.92 -1.56 -29.23
N ASN B 3 -15.04 -0.71 -28.72
CA ASN B 3 -14.05 -0.02 -29.53
C ASN B 3 -12.71 -0.75 -29.58
N PHE B 4 -12.65 -1.96 -29.03
CA PHE B 4 -11.41 -2.75 -29.00
C PHE B 4 -11.64 -4.06 -29.74
N GLN B 5 -10.71 -4.40 -30.64
CA GLN B 5 -10.77 -5.62 -31.43
C GLN B 5 -9.65 -6.54 -30.95
N LYS B 6 -10.02 -7.61 -30.24
CA LYS B 6 -9.03 -8.56 -29.75
C LYS B 6 -8.32 -9.23 -30.90
N VAL B 7 -7.00 -8.98 -31.01
CA VAL B 7 -6.21 -9.52 -32.10
C VAL B 7 -5.74 -10.93 -31.73
N GLU B 8 -5.27 -11.09 -30.51
CA GLU B 8 -4.76 -12.40 -30.08
C GLU B 8 -4.84 -12.50 -28.57
N LYS B 9 -4.64 -13.71 -28.07
CA LYS B 9 -4.51 -13.97 -26.64
C LYS B 9 -3.05 -14.21 -26.32
N ILE B 10 -2.51 -13.43 -25.39
CA ILE B 10 -1.07 -13.47 -25.13
C ILE B 10 -0.79 -14.22 -23.83
N GLY B 11 -1.74 -14.21 -22.90
CA GLY B 11 -1.53 -14.85 -21.62
C GLY B 11 -2.84 -15.27 -21.00
N GLU B 12 -2.74 -15.94 -19.85
CA GLU B 12 -3.90 -16.41 -19.11
C GLU B 12 -3.85 -15.95 -17.66
N TYR B 15 -4.87 -13.05 -11.72
CA TYR B 15 -5.55 -12.22 -12.70
C TYR B 15 -6.14 -13.06 -13.83
N GLY B 16 -7.04 -12.45 -14.60
CA GLY B 16 -7.69 -13.14 -15.69
C GLY B 16 -6.87 -13.15 -16.96
N VAL B 17 -7.48 -13.68 -18.03
CA VAL B 17 -6.81 -13.77 -19.32
C VAL B 17 -6.53 -12.38 -19.86
N VAL B 18 -5.37 -12.21 -20.50
CA VAL B 18 -4.94 -10.95 -21.06
C VAL B 18 -4.77 -11.12 -22.57
N TYR B 19 -5.28 -10.16 -23.33
CA TYR B 19 -5.27 -10.21 -24.78
C TYR B 19 -4.49 -9.03 -25.35
N LYS B 20 -4.01 -9.20 -26.57
CA LYS B 20 -3.50 -8.10 -27.38
C LYS B 20 -4.60 -7.66 -28.34
N ALA B 21 -4.98 -6.39 -28.27
CA ALA B 21 -6.08 -5.85 -29.05
C ALA B 21 -5.68 -4.52 -29.65
N ARG B 22 -6.57 -3.96 -30.48
CA ARG B 22 -6.34 -2.71 -31.15
C ARG B 22 -7.50 -1.75 -30.89
N ASN B 23 -7.17 -0.47 -30.72
CA ASN B 23 -8.18 0.57 -30.60
C ASN B 23 -8.58 1.03 -32.00
N LYS B 24 -9.88 0.94 -32.31
CA LYS B 24 -10.34 1.29 -33.64
C LYS B 24 -10.18 2.78 -33.94
N LEU B 25 -10.22 3.63 -32.91
CA LEU B 25 -10.12 5.06 -33.14
C LEU B 25 -8.67 5.50 -33.29
N THR B 26 -7.86 5.29 -32.24
CA THR B 26 -6.47 5.75 -32.28
C THR B 26 -5.59 4.87 -33.15
N GLY B 27 -5.90 3.58 -33.25
CA GLY B 27 -5.10 2.66 -34.02
C GLY B 27 -3.95 2.01 -33.27
N GLU B 28 -3.73 2.38 -32.02
CA GLU B 28 -2.62 1.82 -31.25
C GLU B 28 -2.97 0.41 -30.77
N VAL B 29 -1.92 -0.36 -30.48
CA VAL B 29 -2.05 -1.73 -29.99
C VAL B 29 -1.90 -1.71 -28.48
N VAL B 30 -2.83 -2.35 -27.78
CA VAL B 30 -2.89 -2.33 -26.32
C VAL B 30 -3.05 -3.73 -25.78
N ALA B 31 -2.79 -3.88 -24.48
CA ALA B 31 -3.12 -5.08 -23.73
C ALA B 31 -4.44 -4.85 -23.01
N LEU B 32 -5.30 -5.86 -23.03
CA LEU B 32 -6.71 -5.72 -22.67
C LEU B 32 -7.08 -6.71 -21.58
N LYS B 33 -6.32 -6.72 -20.48
CA LYS B 33 -6.53 -7.71 -19.44
C LYS B 33 -7.97 -7.64 -18.92
N LYS B 34 -8.57 -8.81 -18.69
CA LYS B 34 -9.95 -8.88 -18.26
C LYS B 34 -10.05 -9.64 -16.94
N ILE B 35 -10.98 -9.22 -16.10
CA ILE B 35 -11.28 -9.87 -14.84
C ILE B 35 -12.78 -10.13 -14.80
N ARG B 36 -13.15 -11.39 -14.55
CA ARG B 36 -14.56 -11.79 -14.50
C ARG B 36 -15.11 -11.44 -13.14
N LEU B 37 -15.93 -10.39 -13.09
CA LEU B 37 -16.52 -9.92 -11.83
C LEU B 37 -17.73 -10.78 -11.51
N ASP B 38 -17.59 -11.68 -10.54
CA ASP B 38 -18.68 -12.56 -10.15
C ASP B 38 -19.32 -12.08 -8.85
N THR B 41 -20.13 -13.06 -5.83
CA THR B 41 -19.91 -13.62 -4.50
C THR B 41 -18.80 -12.89 -3.76
N GLU B 42 -17.88 -12.31 -4.53
CA GLU B 42 -16.77 -11.55 -3.95
C GLU B 42 -16.66 -10.18 -4.60
N GLY B 43 -17.21 -10.04 -5.80
CA GLY B 43 -17.14 -8.78 -6.52
C GLY B 43 -15.79 -8.54 -7.13
N VAL B 44 -15.33 -7.29 -7.14
CA VAL B 44 -14.03 -6.96 -7.69
C VAL B 44 -12.94 -7.55 -6.80
N PRO B 45 -11.99 -8.30 -7.35
CA PRO B 45 -10.95 -8.91 -6.50
C PRO B 45 -10.04 -7.86 -5.87
N SER B 46 -9.47 -8.22 -4.73
CA SER B 46 -8.54 -7.32 -4.05
C SER B 46 -7.31 -7.06 -4.91
N THR B 47 -6.82 -8.08 -5.62
CA THR B 47 -5.67 -7.91 -6.48
C THR B 47 -5.94 -6.88 -7.57
N ALA B 48 -7.08 -7.02 -8.26
CA ALA B 48 -7.43 -6.07 -9.31
C ALA B 48 -7.66 -4.68 -8.75
N ILE B 49 -8.32 -4.59 -7.58
CA ILE B 49 -8.57 -3.29 -6.97
C ILE B 49 -7.26 -2.57 -6.67
N ARG B 50 -6.32 -3.29 -6.05
CA ARG B 50 -5.02 -2.69 -5.74
C ARG B 50 -4.26 -2.33 -7.00
N GLU B 51 -4.31 -3.20 -8.02
CA GLU B 51 -3.60 -2.92 -9.26
C GLU B 51 -4.11 -1.64 -9.91
N ILE B 52 -5.43 -1.47 -9.98
CA ILE B 52 -5.98 -0.27 -10.60
C ILE B 52 -5.71 0.96 -9.74
N SER B 53 -5.83 0.82 -8.42
CA SER B 53 -5.70 1.97 -7.54
C SER B 53 -4.25 2.44 -7.39
N LEU B 54 -3.28 1.57 -7.64
CA LEU B 54 -1.88 1.95 -7.52
C LEU B 54 -1.21 2.21 -8.85
N LEU B 55 -1.52 1.42 -9.89
CA LEU B 55 -0.91 1.63 -11.20
C LEU B 55 -1.36 2.95 -11.82
N LYS B 56 -2.54 3.43 -11.47
CA LYS B 56 -3.00 4.72 -11.99
C LYS B 56 -2.34 5.89 -11.28
N GLU B 57 -1.72 5.66 -10.12
CA GLU B 57 -0.96 6.68 -9.43
C GLU B 57 0.51 6.72 -9.84
N LEU B 58 0.97 5.75 -10.62
CA LEU B 58 2.36 5.66 -11.05
C LEU B 58 2.43 6.00 -12.53
N ASN B 59 3.00 7.16 -12.85
CA ASN B 59 3.20 7.60 -14.24
C ASN B 59 4.70 7.76 -14.45
N HIS B 60 5.35 6.67 -14.84
CA HIS B 60 6.78 6.66 -15.08
C HIS B 60 7.08 5.96 -16.39
N PRO B 61 8.13 6.39 -17.10
CA PRO B 61 8.51 5.68 -18.34
C PRO B 61 8.81 4.21 -18.13
N ASN B 62 9.47 3.85 -17.02
CA ASN B 62 9.81 2.46 -16.74
C ASN B 62 8.75 1.78 -15.87
N ILE B 63 7.48 1.93 -16.28
CA ILE B 63 6.35 1.32 -15.60
C ILE B 63 5.23 1.17 -16.62
N VAL B 64 4.62 -0.02 -16.64
CA VAL B 64 3.50 -0.24 -17.56
C VAL B 64 2.37 0.70 -17.19
N LYS B 65 1.96 1.54 -18.14
CA LYS B 65 1.02 2.62 -17.89
C LYS B 65 -0.39 2.15 -18.20
N LEU B 66 -1.17 1.86 -17.16
CA LEU B 66 -2.59 1.62 -17.31
C LEU B 66 -3.28 2.91 -17.72
N LEU B 67 -3.95 2.90 -18.86
CA LEU B 67 -4.49 4.13 -19.44
C LEU B 67 -6.01 4.15 -19.55
N ASP B 68 -6.67 3.01 -19.45
CA ASP B 68 -8.13 2.98 -19.51
C ASP B 68 -8.64 1.79 -18.73
N VAL B 69 -9.76 2.00 -18.03
CA VAL B 69 -10.38 0.95 -17.23
C VAL B 69 -11.86 0.88 -17.58
N ILE B 70 -12.24 -0.11 -18.39
CA ILE B 70 -13.63 -0.34 -18.74
C ILE B 70 -14.26 -1.20 -17.64
N HIS B 71 -14.81 -0.54 -16.63
CA HIS B 71 -15.38 -1.24 -15.46
C HIS B 71 -16.89 -1.34 -15.64
N THR B 72 -17.32 -2.47 -16.18
CA THR B 72 -18.74 -2.73 -16.37
C THR B 72 -19.28 -3.53 -15.19
N GLU B 73 -20.55 -3.96 -15.28
CA GLU B 73 -21.15 -4.71 -14.19
C GLU B 73 -20.69 -6.16 -14.17
N ASN B 74 -20.44 -6.75 -15.34
CA ASN B 74 -20.11 -8.16 -15.43
C ASN B 74 -18.63 -8.45 -15.68
N LYS B 75 -17.85 -7.45 -16.08
CA LYS B 75 -16.44 -7.67 -16.36
C LYS B 75 -15.67 -6.38 -16.13
N LEU B 76 -14.40 -6.52 -15.79
CA LEU B 76 -13.53 -5.38 -15.51
C LEU B 76 -12.33 -5.44 -16.44
N TYR B 77 -12.17 -4.43 -17.29
CA TYR B 77 -11.13 -4.41 -18.31
C TYR B 77 -10.06 -3.39 -17.94
N LEU B 78 -8.80 -3.83 -17.99
CA LEU B 78 -7.64 -2.98 -17.76
C LEU B 78 -6.86 -2.87 -19.07
N VAL B 79 -6.65 -1.64 -19.52
CA VAL B 79 -6.02 -1.38 -20.82
C VAL B 79 -4.64 -0.82 -20.53
N PHE B 80 -3.62 -1.65 -20.74
CA PHE B 80 -2.23 -1.25 -20.61
C PHE B 80 -1.61 -1.03 -21.99
N GLU B 81 -0.48 -0.35 -22.00
CA GLU B 81 0.32 -0.26 -23.22
C GLU B 81 0.86 -1.64 -23.59
N PHE B 82 0.80 -1.98 -24.86
CA PHE B 82 1.24 -3.29 -25.32
C PHE B 82 2.74 -3.29 -25.51
N LEU B 83 3.44 -4.13 -24.75
CA LEU B 83 4.87 -4.35 -24.92
C LEU B 83 5.10 -5.67 -25.62
N HIS B 84 6.23 -5.76 -26.33
CA HIS B 84 6.47 -6.88 -27.23
C HIS B 84 6.50 -8.21 -26.48
N GLN B 85 7.21 -8.25 -25.36
CA GLN B 85 7.37 -9.49 -24.62
C GLN B 85 7.87 -9.17 -23.22
N ASP B 86 7.95 -10.21 -22.39
CA ASP B 86 8.46 -10.09 -21.03
C ASP B 86 9.92 -10.49 -20.98
N LEU B 87 10.56 -10.21 -19.83
CA LEU B 87 11.98 -10.52 -19.68
C LEU B 87 12.22 -12.02 -19.64
N LYS B 88 11.25 -12.80 -19.15
CA LYS B 88 11.42 -14.26 -19.11
C LYS B 88 11.58 -14.82 -20.52
N LYS B 89 10.71 -14.41 -21.44
CA LYS B 89 10.80 -14.88 -22.82
C LYS B 89 12.08 -14.39 -23.49
N PHE B 90 12.47 -13.14 -23.22
CA PHE B 90 13.70 -12.61 -23.80
C PHE B 90 14.91 -13.40 -23.32
N MET B 91 14.95 -13.73 -22.03
CA MET B 91 16.07 -14.50 -21.49
C MET B 91 16.07 -15.93 -22.04
N ASP B 92 14.87 -16.53 -22.20
CA ASP B 92 14.80 -17.87 -22.76
C ASP B 92 15.27 -17.89 -24.20
N ALA B 93 14.86 -16.91 -25.00
CA ALA B 93 15.29 -16.84 -26.39
C ALA B 93 16.79 -16.62 -26.49
N SER B 94 17.34 -15.72 -25.67
CA SER B 94 18.77 -15.45 -25.65
C SER B 94 19.49 -16.31 -24.61
N ALA B 95 19.29 -17.63 -24.70
CA ALA B 95 19.93 -18.55 -23.77
C ALA B 95 21.20 -19.17 -24.35
N LEU B 96 21.29 -19.30 -25.67
CA LEU B 96 22.49 -19.84 -26.28
C LEU B 96 23.70 -18.95 -26.02
N THR B 97 23.51 -17.63 -26.14
CA THR B 97 24.55 -16.66 -25.85
C THR B 97 24.06 -15.71 -24.77
N GLY B 98 25.00 -15.21 -23.96
CA GLY B 98 24.63 -14.29 -22.91
C GLY B 98 24.09 -12.98 -23.44
N ILE B 99 23.21 -12.37 -22.66
CA ILE B 99 22.69 -11.04 -23.02
C ILE B 99 23.84 -10.06 -23.00
N PRO B 100 23.93 -9.13 -23.96
CA PRO B 100 25.04 -8.17 -23.96
C PRO B 100 25.09 -7.37 -22.67
N LEU B 101 26.31 -7.18 -22.15
CA LEU B 101 26.47 -6.46 -20.89
C LEU B 101 25.92 -5.03 -20.92
N PRO B 102 26.13 -4.22 -21.97
CA PRO B 102 25.44 -2.91 -21.99
C PRO B 102 23.94 -3.04 -21.94
N LEU B 103 23.36 -4.04 -22.60
CA LEU B 103 21.91 -4.25 -22.54
C LEU B 103 21.48 -4.64 -21.13
N ILE B 104 22.26 -5.49 -20.47
CA ILE B 104 21.96 -5.86 -19.08
C ILE B 104 22.00 -4.63 -18.20
N LYS B 105 23.02 -3.79 -18.37
CA LYS B 105 23.14 -2.58 -17.56
C LYS B 105 21.98 -1.63 -17.80
N SER B 106 21.57 -1.45 -19.06
CA SER B 106 20.43 -0.60 -19.36
C SER B 106 19.14 -1.14 -18.75
N TYR B 107 18.93 -2.45 -18.86
CA TYR B 107 17.73 -3.06 -18.30
C TYR B 107 17.70 -2.91 -16.78
N LEU B 108 18.83 -3.13 -16.12
CA LEU B 108 18.89 -2.96 -14.67
C LEU B 108 18.68 -1.50 -14.28
N PHE B 109 19.24 -0.57 -15.06
CA PHE B 109 19.05 0.85 -14.77
C PHE B 109 17.58 1.23 -14.86
N GLN B 110 16.89 0.77 -15.92
CA GLN B 110 15.47 1.09 -16.05
C GLN B 110 14.64 0.42 -14.97
N LEU B 111 14.96 -0.83 -14.63
CA LEU B 111 14.23 -1.51 -13.55
C LEU B 111 14.41 -0.79 -12.23
N LEU B 112 15.64 -0.35 -11.93
CA LEU B 112 15.88 0.37 -10.68
C LEU B 112 15.23 1.74 -10.70
N GLN B 113 15.15 2.39 -11.86
CA GLN B 113 14.44 3.66 -11.95
C GLN B 113 12.95 3.46 -11.66
N GLY B 114 12.36 2.41 -12.22
CA GLY B 114 10.96 2.11 -11.91
C GLY B 114 10.75 1.79 -10.44
N LEU B 115 11.67 1.01 -9.86
CA LEU B 115 11.56 0.68 -8.44
C LEU B 115 11.71 1.93 -7.58
N ALA B 116 12.61 2.84 -7.95
CA ALA B 116 12.79 4.08 -7.21
C ALA B 116 11.55 4.97 -7.32
N PHE B 117 10.91 4.98 -8.49
CA PHE B 117 9.65 5.72 -8.62
C PHE B 117 8.57 5.11 -7.74
N CYS B 118 8.51 3.77 -7.69
CA CYS B 118 7.52 3.11 -6.84
C CYS B 118 7.76 3.39 -5.37
N HIS B 119 9.03 3.38 -4.95
CA HIS B 119 9.37 3.58 -3.54
C HIS B 119 9.35 5.04 -3.12
N SER B 120 9.53 5.97 -4.05
CA SER B 120 9.27 7.38 -3.75
C SER B 120 7.80 7.59 -3.46
N HIS B 121 6.94 6.92 -4.20
CA HIS B 121 5.53 6.78 -3.83
C HIS B 121 5.44 5.73 -2.73
N ARG B 122 4.24 5.31 -2.39
CA ARG B 122 4.05 4.30 -1.34
C ARG B 122 3.57 2.98 -1.91
N VAL B 123 4.12 2.57 -3.05
CA VAL B 123 3.73 1.34 -3.72
C VAL B 123 4.85 0.32 -3.60
N LEU B 124 4.53 -0.86 -3.09
CA LEU B 124 5.47 -1.97 -2.99
C LEU B 124 5.06 -3.04 -3.99
N HIS B 125 5.98 -3.42 -4.87
CA HIS B 125 5.65 -4.39 -5.91
C HIS B 125 5.43 -5.78 -5.33
N ARG B 126 6.43 -6.33 -4.66
CA ARG B 126 6.41 -7.64 -4.02
C ARG B 126 6.21 -8.78 -5.01
N ASP B 127 6.20 -8.50 -6.31
CA ASP B 127 6.04 -9.52 -7.34
C ASP B 127 7.01 -9.26 -8.48
N LEU B 128 8.25 -8.94 -8.14
CA LEU B 128 9.27 -8.62 -9.13
C LEU B 128 9.89 -9.92 -9.62
N LYS B 129 9.61 -10.27 -10.88
CA LYS B 129 10.14 -11.46 -11.51
C LYS B 129 10.16 -11.24 -13.02
N PRO B 130 10.97 -12.01 -13.75
CA PRO B 130 11.07 -11.77 -15.20
C PRO B 130 9.74 -11.86 -15.94
N GLN B 131 8.80 -12.64 -15.44
CA GLN B 131 7.48 -12.72 -16.07
C GLN B 131 6.70 -11.42 -15.94
N ASN B 132 7.08 -10.55 -15.00
CA ASN B 132 6.38 -9.31 -14.76
C ASN B 132 7.09 -8.08 -15.32
N LEU B 133 8.22 -8.27 -16.00
CA LEU B 133 9.00 -7.18 -16.58
C LEU B 133 8.83 -7.22 -18.09
N LEU B 134 8.06 -6.29 -18.62
CA LEU B 134 7.76 -6.27 -20.05
C LEU B 134 8.82 -5.50 -20.82
N ILE B 135 9.03 -5.90 -22.07
CA ILE B 135 10.08 -5.34 -22.91
C ILE B 135 9.46 -4.90 -24.23
N ASN B 136 9.74 -3.68 -24.65
CA ASN B 136 9.35 -3.20 -25.97
C ASN B 136 10.54 -3.31 -26.91
N THR B 137 10.31 -3.08 -28.21
CA THR B 137 11.38 -3.19 -29.19
C THR B 137 12.29 -1.96 -29.22
N GLU B 138 11.99 -0.94 -28.43
CA GLU B 138 12.85 0.23 -28.31
C GLU B 138 13.90 0.07 -27.22
N GLY B 139 14.06 -1.13 -26.69
CA GLY B 139 15.01 -1.38 -25.63
C GLY B 139 14.67 -0.73 -24.30
N ALA B 140 13.40 -0.76 -23.91
CA ALA B 140 12.95 -0.23 -22.63
C ALA B 140 12.21 -1.31 -21.87
N ILE B 141 12.56 -1.49 -20.60
CA ILE B 141 11.92 -2.49 -19.75
C ILE B 141 11.03 -1.78 -18.74
N LYS B 142 9.87 -2.37 -18.46
CA LYS B 142 8.85 -1.74 -17.63
C LYS B 142 8.29 -2.74 -16.62
N LEU B 143 8.07 -2.25 -15.40
CA LEU B 143 7.41 -3.05 -14.37
C LEU B 143 5.95 -3.27 -14.73
N ALA B 144 5.44 -4.46 -14.43
CA ALA B 144 4.06 -4.80 -14.71
C ALA B 144 3.56 -5.78 -13.65
N ASP B 145 2.32 -6.24 -13.84
CA ASP B 145 1.68 -7.22 -12.96
C ASP B 145 1.66 -6.72 -11.51
N PHE B 146 0.97 -5.59 -11.31
CA PHE B 146 0.84 -4.98 -10.00
C PHE B 146 -0.32 -5.56 -9.20
N GLY B 147 -0.83 -6.73 -9.59
CA GLY B 147 -1.92 -7.33 -8.84
C GLY B 147 -1.52 -7.71 -7.42
N LEU B 148 -0.27 -8.11 -7.23
CA LEU B 148 0.25 -8.45 -5.91
C LEU B 148 0.84 -7.25 -5.19
N ALA B 149 0.78 -6.06 -5.78
CA ALA B 149 1.37 -4.89 -5.18
C ALA B 149 0.51 -4.37 -4.03
N ARG B 150 1.17 -3.90 -2.98
CA ARG B 150 0.50 -3.34 -1.82
C ARG B 150 1.03 -1.93 -1.54
N ALA B 151 0.14 -1.06 -1.07
CA ALA B 151 0.51 0.28 -0.67
C ALA B 151 0.99 0.26 0.78
N PHE B 152 2.23 0.71 1.01
CA PHE B 152 2.84 0.64 2.34
C PHE B 152 2.91 2.02 3.01
N GLY B 153 1.87 2.85 2.83
CA GLY B 153 1.80 4.07 3.61
C GLY B 153 1.79 3.78 5.10
N VAL B 154 1.08 2.74 5.51
CA VAL B 154 1.24 2.13 6.82
C VAL B 154 2.00 0.83 6.61
N PRO B 155 2.74 0.32 7.60
CA PRO B 155 3.52 -0.90 7.37
C PRO B 155 2.62 -2.06 6.95
N VAL B 156 3.10 -2.83 5.98
CA VAL B 156 2.35 -3.93 5.39
C VAL B 156 2.77 -5.22 6.06
N ARG B 157 1.82 -5.91 6.68
CA ARG B 157 2.11 -7.18 7.31
C ARG B 157 2.30 -8.27 6.26
N THR B 158 3.18 -9.22 6.56
CA THR B 158 3.40 -10.34 5.66
C THR B 158 2.19 -11.26 5.62
N TYR B 159 1.98 -11.87 4.47
CA TYR B 159 0.83 -12.76 4.27
C TYR B 159 1.01 -14.05 5.07
N THR B 165 7.22 -15.05 -6.87
CA THR B 165 7.15 -16.47 -6.49
C THR B 165 8.15 -16.79 -5.39
N LEU B 166 8.45 -18.09 -5.23
CA LEU B 166 9.38 -18.51 -4.20
C LEU B 166 10.82 -18.22 -4.57
N TRP B 167 11.17 -18.29 -5.86
CA TRP B 167 12.55 -18.10 -6.29
C TRP B 167 13.05 -16.70 -5.94
N TYR B 168 12.21 -15.69 -6.13
CA TYR B 168 12.60 -14.29 -5.93
C TYR B 168 12.05 -13.72 -4.62
N ARG B 169 12.02 -14.55 -3.58
CA ARG B 169 11.56 -14.12 -2.26
C ARG B 169 12.77 -13.78 -1.40
N ALA B 170 12.70 -12.66 -0.71
CA ALA B 170 13.81 -12.20 0.12
C ALA B 170 14.01 -13.17 1.30
N PRO B 171 15.24 -13.27 1.80
CA PRO B 171 15.48 -14.14 2.97
C PRO B 171 14.72 -13.68 4.20
N GLU B 172 14.40 -12.40 4.31
CA GLU B 172 13.62 -11.91 5.45
C GLU B 172 12.22 -12.53 5.45
N ILE B 173 11.59 -12.59 4.27
CA ILE B 173 10.25 -13.19 4.19
C ILE B 173 10.32 -14.67 4.53
N LEU B 174 11.41 -15.34 4.13
CA LEU B 174 11.56 -16.74 4.46
C LEU B 174 11.74 -16.96 5.95
N LEU B 175 12.41 -16.04 6.64
CA LEU B 175 12.60 -16.15 8.09
C LEU B 175 11.50 -15.43 8.86
N GLY B 176 10.25 -15.71 8.49
CA GLY B 176 9.10 -15.25 9.26
C GLY B 176 9.03 -13.75 9.50
N CYS B 177 9.30 -12.94 8.48
CA CYS B 177 9.23 -11.50 8.64
C CYS B 177 7.80 -11.07 8.92
N LYS B 178 7.64 -10.02 9.73
CA LYS B 178 6.33 -9.50 10.07
C LYS B 178 5.87 -8.43 9.08
N TYR B 179 6.65 -7.37 8.92
CA TYR B 179 6.29 -6.25 8.08
C TYR B 179 7.13 -6.26 6.80
N TYR B 180 6.48 -6.06 5.67
CA TYR B 180 7.18 -5.97 4.39
C TYR B 180 7.96 -4.67 4.31
N SER B 181 9.21 -4.76 3.88
CA SER B 181 10.04 -3.59 3.61
C SER B 181 10.22 -3.43 2.11
N THR B 182 10.83 -2.30 1.73
CA THR B 182 11.12 -2.09 0.31
C THR B 182 12.22 -3.01 -0.18
N ALA B 183 13.09 -3.46 0.73
CA ALA B 183 14.22 -4.29 0.35
C ALA B 183 13.77 -5.59 -0.33
N VAL B 184 12.58 -6.09 0.02
CA VAL B 184 12.09 -7.32 -0.59
C VAL B 184 11.98 -7.16 -2.10
N ASP B 185 11.71 -5.93 -2.57
CA ASP B 185 11.73 -5.69 -4.01
C ASP B 185 13.16 -5.73 -4.54
N ILE B 186 14.06 -5.02 -3.87
CA ILE B 186 15.44 -4.91 -4.34
C ILE B 186 16.06 -6.28 -4.50
N TRP B 187 15.92 -7.13 -3.46
CA TRP B 187 16.42 -8.49 -3.54
C TRP B 187 15.93 -9.19 -4.79
N SER B 188 14.62 -9.10 -5.06
CA SER B 188 14.08 -9.72 -6.26
C SER B 188 14.79 -9.20 -7.50
N LEU B 189 14.92 -7.87 -7.60
CA LEU B 189 15.65 -7.30 -8.73
C LEU B 189 17.05 -7.87 -8.81
N GLY B 190 17.73 -7.95 -7.66
CA GLY B 190 19.06 -8.52 -7.66
C GLY B 190 19.08 -9.92 -8.24
N CYS B 191 18.11 -10.75 -7.85
CA CYS B 191 18.03 -12.09 -8.41
C CYS B 191 17.87 -12.01 -9.93
N ILE B 192 16.99 -11.14 -10.40
CA ILE B 192 16.82 -10.97 -11.84
C ILE B 192 18.14 -10.56 -12.47
N PHE B 193 18.89 -9.68 -11.79
CA PHE B 193 20.20 -9.29 -12.27
C PHE B 193 21.05 -10.53 -12.53
N ALA B 194 21.14 -11.42 -11.53
CA ALA B 194 21.90 -12.64 -11.73
C ALA B 194 21.32 -13.47 -12.87
N GLU B 195 19.99 -13.56 -12.94
CA GLU B 195 19.37 -14.33 -13.99
C GLU B 195 19.64 -13.74 -15.37
N MET B 196 20.01 -12.46 -15.44
CA MET B 196 20.36 -11.85 -16.70
C MET B 196 21.82 -12.05 -17.07
N VAL B 197 22.67 -12.42 -16.11
CA VAL B 197 24.10 -12.56 -16.35
C VAL B 197 24.50 -14.03 -16.54
N THR B 198 23.87 -14.94 -15.79
CA THR B 198 24.22 -16.35 -15.84
C THR B 198 23.21 -17.19 -16.62
N ARG B 199 22.11 -16.58 -17.08
CA ARG B 199 21.05 -17.30 -17.78
C ARG B 199 20.50 -18.44 -16.93
N ARG B 200 20.50 -18.25 -15.61
CA ARG B 200 20.05 -19.27 -14.66
C ARG B 200 19.48 -18.56 -13.45
N ALA B 201 18.42 -19.13 -12.89
CA ALA B 201 17.89 -18.61 -11.63
C ALA B 201 18.94 -18.77 -10.53
N LEU B 202 19.20 -17.67 -9.82
CA LEU B 202 20.22 -17.70 -8.78
C LEU B 202 19.85 -18.64 -7.65
N PHE B 203 18.59 -18.64 -7.25
CA PHE B 203 18.08 -19.49 -6.17
C PHE B 203 16.85 -20.23 -6.65
N PRO B 204 17.03 -21.27 -7.46
CA PRO B 204 15.86 -22.06 -7.93
C PRO B 204 15.41 -23.06 -6.88
N GLY B 205 14.80 -22.53 -5.81
CA GLY B 205 14.37 -23.37 -4.72
C GLY B 205 13.12 -24.17 -5.06
N ASP B 206 13.04 -25.37 -4.51
CA ASP B 206 11.87 -26.22 -4.69
C ASP B 206 10.84 -26.05 -3.58
N SER B 207 11.29 -25.79 -2.36
CA SER B 207 10.41 -25.58 -1.22
C SER B 207 10.88 -24.35 -0.44
N GLU B 208 10.09 -23.98 0.56
CA GLU B 208 10.43 -22.81 1.37
C GLU B 208 11.70 -23.00 2.19
N ILE B 209 12.14 -24.25 2.37
CA ILE B 209 13.37 -24.53 3.10
C ILE B 209 14.49 -24.81 2.11
N ASP B 210 14.15 -25.40 0.96
CA ASP B 210 15.15 -25.62 -0.08
C ASP B 210 15.66 -24.29 -0.63
N GLN B 211 14.77 -23.33 -0.85
CA GLN B 211 15.17 -22.00 -1.28
C GLN B 211 16.08 -21.34 -0.25
N LEU B 212 15.72 -21.48 1.03
CA LEU B 212 16.55 -20.93 2.10
C LEU B 212 17.94 -21.56 2.10
N PHE B 213 18.01 -22.88 1.93
CA PHE B 213 19.30 -23.56 1.91
C PHE B 213 20.13 -23.13 0.70
N ARG B 214 19.48 -22.94 -0.46
CA ARG B 214 20.21 -22.48 -1.63
C ARG B 214 20.76 -21.07 -1.41
N ILE B 215 19.96 -20.19 -0.83
CA ILE B 215 20.43 -18.83 -0.54
C ILE B 215 21.59 -18.86 0.45
N PHE B 216 21.48 -19.71 1.47
CA PHE B 216 22.55 -19.82 2.45
C PHE B 216 23.82 -20.39 1.82
N ARG B 217 23.69 -21.34 0.91
CA ARG B 217 24.85 -21.88 0.22
C ARG B 217 25.52 -20.82 -0.64
N THR B 218 24.72 -20.01 -1.34
CA THR B 218 25.30 -19.04 -2.27
C THR B 218 25.93 -17.87 -1.53
N LEU B 219 25.25 -17.34 -0.51
CA LEU B 219 25.70 -16.12 0.18
C LEU B 219 26.20 -16.37 1.59
N GLY B 220 26.31 -17.62 2.02
CA GLY B 220 26.73 -17.87 3.39
C GLY B 220 25.56 -17.82 4.35
N THR B 221 25.66 -18.62 5.40
CA THR B 221 24.62 -18.63 6.42
C THR B 221 24.61 -17.31 7.17
N PRO B 222 23.45 -16.75 7.48
CA PRO B 222 23.38 -15.43 8.12
C PRO B 222 23.73 -15.51 9.60
N ASP B 223 24.93 -15.03 9.94
CA ASP B 223 25.32 -14.90 11.33
C ASP B 223 24.78 -13.59 11.90
N GLU B 224 24.81 -13.48 13.23
CA GLU B 224 24.34 -12.27 13.87
C GLU B 224 25.22 -11.06 13.59
N VAL B 225 26.49 -11.27 13.25
CA VAL B 225 27.36 -10.15 12.91
C VAL B 225 26.97 -9.55 11.57
N VAL B 226 26.72 -10.40 10.57
CA VAL B 226 26.34 -9.90 9.25
C VAL B 226 24.93 -9.32 9.28
N TRP B 227 23.99 -10.05 9.89
CA TRP B 227 22.59 -9.65 9.97
C TRP B 227 22.18 -9.73 11.43
N PRO B 228 22.19 -8.59 12.15
CA PRO B 228 21.75 -8.60 13.55
C PRO B 228 20.26 -8.88 13.66
N GLY B 229 19.90 -9.92 14.41
CA GLY B 229 18.52 -10.29 14.61
C GLY B 229 18.06 -11.56 13.93
N VAL B 230 18.97 -12.35 13.36
CA VAL B 230 18.58 -13.58 12.68
C VAL B 230 18.04 -14.59 13.69
N THR B 231 18.68 -14.70 14.85
CA THR B 231 18.31 -15.74 15.81
C THR B 231 16.89 -15.57 16.30
N SER B 232 16.49 -14.33 16.60
CA SER B 232 15.15 -14.06 17.12
C SER B 232 14.17 -13.82 15.96
N MET B 233 14.00 -14.85 15.14
CA MET B 233 13.07 -14.80 14.02
C MET B 233 12.17 -16.03 14.02
N PRO B 234 10.91 -15.87 13.63
CA PRO B 234 9.96 -16.99 13.78
C PRO B 234 10.32 -18.23 12.99
N ASP B 235 10.88 -18.08 11.79
CA ASP B 235 11.15 -19.21 10.92
C ASP B 235 12.62 -19.59 10.86
N TYR B 236 13.45 -19.02 11.74
CA TYR B 236 14.86 -19.37 11.80
C TYR B 236 15.06 -20.51 12.79
N LYS B 237 15.84 -21.51 12.38
CA LYS B 237 16.10 -22.66 13.21
C LYS B 237 17.58 -22.76 13.55
N PRO B 238 17.93 -23.09 14.80
CA PRO B 238 19.34 -23.28 15.15
C PRO B 238 20.02 -24.41 14.39
N SER B 239 19.26 -25.37 13.86
CA SER B 239 19.80 -26.50 13.12
C SER B 239 19.95 -26.08 11.66
N PHE B 240 20.77 -25.07 11.43
CA PHE B 240 21.06 -24.56 10.10
C PHE B 240 22.54 -24.74 9.81
N PRO B 241 22.87 -25.30 8.65
CA PRO B 241 24.28 -25.55 8.32
C PRO B 241 25.11 -24.28 8.31
N LYS B 242 26.33 -24.40 8.81
CA LYS B 242 27.26 -23.28 8.92
C LYS B 242 28.04 -23.17 7.61
N TRP B 243 27.35 -22.71 6.57
CA TRP B 243 27.98 -22.55 5.27
C TRP B 243 28.84 -21.29 5.24
N ALA B 244 29.69 -21.21 4.22
CA ALA B 244 30.56 -20.06 4.00
C ALA B 244 30.12 -19.33 2.74
N ARG B 245 30.22 -18.00 2.78
CA ARG B 245 29.80 -17.19 1.65
C ARG B 245 30.66 -17.49 0.43
N GLN B 246 30.00 -17.78 -0.69
CA GLN B 246 30.72 -18.04 -1.93
C GLN B 246 31.29 -16.75 -2.49
N ASP B 247 32.45 -16.86 -3.13
CA ASP B 247 33.03 -15.71 -3.82
C ASP B 247 32.14 -15.31 -4.99
N PHE B 248 31.89 -14.01 -5.13
CA PHE B 248 30.98 -13.54 -6.17
C PHE B 248 31.53 -13.76 -7.57
N SER B 249 32.85 -14.00 -7.70
CA SER B 249 33.39 -14.35 -9.01
C SER B 249 32.80 -15.67 -9.49
N LYS B 250 32.66 -16.65 -8.61
CA LYS B 250 32.04 -17.92 -8.99
C LYS B 250 30.55 -17.74 -9.20
N VAL B 251 29.90 -16.90 -8.40
CA VAL B 251 28.46 -16.73 -8.50
C VAL B 251 28.09 -16.07 -9.83
N VAL B 252 28.77 -14.97 -10.16
CA VAL B 252 28.52 -14.27 -11.42
C VAL B 252 29.84 -14.05 -12.15
N PRO B 253 30.31 -15.01 -12.93
CA PRO B 253 31.58 -14.86 -13.65
C PRO B 253 31.58 -13.68 -14.60
N PRO B 254 30.61 -13.56 -15.52
CA PRO B 254 30.70 -12.48 -16.51
C PRO B 254 30.60 -11.09 -15.91
N LEU B 255 30.03 -10.95 -14.71
CA LEU B 255 29.87 -9.64 -14.10
C LEU B 255 31.22 -9.06 -13.71
N ASP B 256 31.38 -7.75 -13.93
CA ASP B 256 32.64 -7.08 -13.65
C ASP B 256 32.74 -6.77 -12.16
N GLU B 257 33.77 -6.03 -11.76
CA GLU B 257 33.94 -5.67 -10.36
C GLU B 257 32.80 -4.78 -9.87
N ASP B 258 32.45 -3.77 -10.67
CA ASP B 258 31.36 -2.88 -10.28
C ASP B 258 30.03 -3.63 -10.24
N GLY B 259 29.79 -4.50 -11.22
CA GLY B 259 28.56 -5.29 -11.20
C GLY B 259 28.51 -6.25 -10.03
N ARG B 260 29.64 -6.88 -9.71
CA ARG B 260 29.68 -7.79 -8.57
C ARG B 260 29.44 -7.03 -7.26
N SER B 261 30.01 -5.84 -7.12
CA SER B 261 29.78 -5.04 -5.93
C SER B 261 28.32 -4.62 -5.83
N LEU B 262 27.72 -4.23 -6.96
CA LEU B 262 26.31 -3.85 -6.95
C LEU B 262 25.42 -5.02 -6.57
N LEU B 263 25.72 -6.22 -7.10
CA LEU B 263 24.93 -7.39 -6.74
C LEU B 263 25.11 -7.76 -5.27
N SER B 264 26.34 -7.63 -4.76
CA SER B 264 26.58 -7.90 -3.35
C SER B 264 25.81 -6.94 -2.45
N GLN B 265 25.78 -5.66 -2.82
CA GLN B 265 25.02 -4.69 -2.03
C GLN B 265 23.51 -4.87 -2.22
N MET B 266 23.09 -5.42 -3.36
CA MET B 266 21.68 -5.64 -3.64
C MET B 266 21.16 -6.95 -3.07
N LEU B 267 22.04 -7.84 -2.61
CA LEU B 267 21.62 -9.09 -2.02
C LEU B 267 22.05 -9.16 -0.56
N HIS B 268 22.08 -8.03 0.11
CA HIS B 268 22.47 -7.95 1.51
C HIS B 268 21.40 -8.61 2.37
N TYR B 269 21.85 -9.43 3.32
CA TYR B 269 20.91 -10.17 4.17
C TYR B 269 20.06 -9.23 5.00
N ASP B 270 20.67 -8.20 5.57
CA ASP B 270 19.94 -7.27 6.42
C ASP B 270 18.98 -6.44 5.58
N PRO B 271 17.67 -6.49 5.82
CA PRO B 271 16.75 -5.64 5.05
C PRO B 271 17.02 -4.16 5.22
N ASN B 272 17.46 -3.74 6.41
CA ASN B 272 17.78 -2.33 6.62
C ASN B 272 18.99 -1.91 5.81
N LYS B 273 20.06 -2.71 5.85
CA LYS B 273 21.31 -2.36 5.17
C LYS B 273 21.29 -2.68 3.69
N ARG B 274 20.28 -3.41 3.20
CA ARG B 274 20.18 -3.66 1.77
C ARG B 274 20.01 -2.36 1.02
N ILE B 275 20.75 -2.21 -0.09
CA ILE B 275 20.74 -0.96 -0.82
C ILE B 275 19.35 -0.71 -1.41
N SER B 276 19.01 0.57 -1.54
CA SER B 276 17.73 0.99 -2.10
C SER B 276 17.91 1.34 -3.57
N ALA B 277 16.78 1.44 -4.27
CA ALA B 277 16.81 1.75 -5.69
C ALA B 277 17.43 3.12 -5.95
N LYS B 278 17.08 4.12 -5.14
CA LYS B 278 17.66 5.44 -5.30
C LYS B 278 19.17 5.41 -5.08
N ALA B 279 19.62 4.69 -4.05
CA ALA B 279 21.06 4.58 -3.81
C ALA B 279 21.75 3.72 -4.86
N ALA B 280 21.05 2.70 -5.37
CA ALA B 280 21.64 1.86 -6.42
C ALA B 280 21.79 2.62 -7.72
N LEU B 281 20.90 3.56 -8.02
CA LEU B 281 21.00 4.34 -9.24
C LEU B 281 22.26 5.19 -9.28
N ALA B 282 22.88 5.44 -8.13
CA ALA B 282 24.11 6.23 -8.06
C ALA B 282 25.36 5.37 -7.97
N HIS B 283 25.24 4.07 -8.19
CA HIS B 283 26.38 3.18 -8.12
C HIS B 283 27.35 3.46 -9.27
N PRO B 284 28.65 3.26 -9.06
CA PRO B 284 29.61 3.41 -10.16
C PRO B 284 29.40 2.43 -11.29
N PHE B 285 28.64 1.35 -11.06
CA PHE B 285 28.36 0.40 -12.14
C PHE B 285 27.57 1.04 -13.27
N PHE B 286 26.81 2.10 -12.97
CA PHE B 286 25.95 2.74 -13.95
C PHE B 286 26.58 3.98 -14.59
N GLN B 287 27.90 4.12 -14.49
CA GLN B 287 28.58 5.28 -15.07
C GLN B 287 28.66 5.22 -16.60
N ASP B 288 28.35 4.08 -17.21
CA ASP B 288 28.42 3.92 -18.66
C ASP B 288 27.12 3.35 -19.20
N VAL B 289 25.99 3.86 -18.70
CA VAL B 289 24.68 3.36 -19.11
C VAL B 289 24.33 3.93 -20.48
N THR B 290 23.85 3.07 -21.36
CA THR B 290 23.31 3.43 -22.67
C THR B 290 21.90 2.86 -22.78
N LYS B 291 21.33 2.91 -23.98
CA LYS B 291 20.00 2.37 -24.25
C LYS B 291 20.05 1.49 -25.50
N PRO B 292 20.71 0.34 -25.43
CA PRO B 292 20.72 -0.56 -26.58
C PRO B 292 19.35 -1.18 -26.83
N VAL B 293 19.09 -1.51 -28.09
CA VAL B 293 17.86 -2.20 -28.47
C VAL B 293 18.06 -3.69 -28.23
N PRO B 294 17.00 -4.47 -28.00
CA PRO B 294 17.15 -5.91 -27.78
C PRO B 294 17.15 -6.73 -29.06
N ASN C 2 -21.57 -6.06 19.37
CA ASN C 2 -22.78 -5.32 19.04
C ASN C 2 -22.66 -4.67 17.67
N ALA C 3 -21.77 -5.22 16.83
CA ALA C 3 -21.59 -4.69 15.49
C ALA C 3 -22.78 -4.99 14.59
N LYS C 4 -23.53 -6.06 14.89
CA LYS C 4 -24.69 -6.43 14.10
C LYS C 4 -25.86 -5.49 14.40
N ARG C 5 -26.00 -4.43 13.60
CA ARG C 5 -27.04 -3.44 13.82
C ARG C 5 -27.72 -3.10 12.50
N ASN C 6 -29.00 -2.75 12.59
CA ASN C 6 -29.77 -2.22 11.47
C ASN C 6 -29.89 -0.71 11.72
N LEU C 7 -28.94 0.05 11.15
CA LEU C 7 -28.84 1.47 11.45
C LEU C 7 -30.01 2.28 10.93
N SER C 8 -30.86 1.71 10.06
CA SER C 8 -31.99 2.46 9.53
C SER C 8 -32.93 2.90 10.63
N SER C 9 -33.20 2.01 11.61
CA SER C 9 -34.08 2.37 12.71
C SER C 9 -33.49 3.49 13.55
N GLU C 10 -32.18 3.45 13.81
CA GLU C 10 -31.55 4.47 14.65
C GLU C 10 -31.42 5.80 13.91
N PHE C 11 -31.34 5.77 12.58
CA PHE C 11 -31.21 7.01 11.83
C PHE C 11 -32.44 7.88 11.98
N ALA C 12 -33.62 7.29 11.94
CA ALA C 12 -34.86 8.05 12.07
C ALA C 12 -35.14 8.38 13.53
#